data_3C2O
#
_entry.id   3C2O
#
_cell.length_a   154.802
_cell.length_b   154.802
_cell.length_c   68.621
_cell.angle_alpha   90.00
_cell.angle_beta   90.00
_cell.angle_gamma   120.00
#
_symmetry.space_group_name_H-M   'H 3 2'
#
loop_
_entity.id
_entity.type
_entity.pdbx_description
1 polymer 'Nicotinate-nucleotide pyrophosphorylase'
2 non-polymer 'QUINOLINIC ACID'
3 water water
#
_entity_poly.entity_id   1
_entity_poly.type   'polypeptide(L)'
_entity_poly.pdbx_seq_one_letter_code
;PVYEHLLPVNGAWRQDVTNWLSEDVPSFDFGGYVVGSDLKEANLYCKQDGMLCGVPFAQEVFNQCELQVEWLFKEGSFLE
PSKNDSGKIVVAKITGPAKNILLAERTALNILSRSSGIATASHKIISLARSTGYKGTIAGTRKTTPGLRRLEKYSMLVGG
CDTHRYDLSSMVMLKDNHIWATGSITNAVKNARAVCGFAVKIEVECLSEDEATEAIEAGADVIMLDNFKGDGLKMCAQSL
KNKWNGKKHFLLECSGGLNLDNLEEYLCDDIDIYSTSSIHQGTPVIDFSLKLAH
;
_entity_poly.pdbx_strand_id   A
#
# COMPACT_ATOMS: atom_id res chain seq x y z
N PRO A 1 -4.40 1.37 18.03
CA PRO A 1 -3.09 1.79 17.47
C PRO A 1 -3.24 2.72 16.27
N VAL A 2 -2.12 3.28 15.82
CA VAL A 2 -2.13 4.21 14.68
C VAL A 2 -1.23 3.70 13.57
N TYR A 3 -1.81 3.49 12.38
CA TYR A 3 -1.05 2.99 11.25
C TYR A 3 0.18 3.82 10.93
N GLU A 4 0.05 5.14 10.94
CA GLU A 4 1.18 6.00 10.63
C GLU A 4 2.38 5.76 11.55
N HIS A 5 2.16 5.08 12.66
CA HIS A 5 3.26 4.80 13.58
C HIS A 5 4.19 3.74 13.00
N LEU A 6 3.76 3.08 11.92
CA LEU A 6 4.59 2.08 11.26
C LEU A 6 5.78 2.78 10.62
N LEU A 7 5.59 4.04 10.25
CA LEU A 7 6.64 4.83 9.62
C LEU A 7 7.60 5.36 10.68
N PRO A 8 8.91 5.12 10.50
CA PRO A 8 9.90 5.61 11.48
C PRO A 8 9.92 7.14 11.48
N VAL A 9 10.04 7.74 12.66
CA VAL A 9 10.04 9.19 12.77
C VAL A 9 10.95 9.81 11.70
N ASN A 10 12.03 9.10 11.37
CA ASN A 10 12.92 9.56 10.31
C ASN A 10 13.54 8.37 9.60
N GLY A 11 13.67 8.50 8.28
CA GLY A 11 14.25 7.43 7.46
C GLY A 11 14.21 7.87 6.00
N ALA A 12 14.44 6.92 5.10
CA ALA A 12 14.46 7.23 3.68
C ALA A 12 13.12 7.73 3.12
N TRP A 13 12.00 7.28 3.68
CA TRP A 13 10.71 7.73 3.14
C TRP A 13 10.54 9.25 3.17
N ARG A 14 11.16 9.92 4.14
CA ARG A 14 11.03 11.37 4.18
C ARG A 14 11.87 11.99 3.06
N GLN A 15 12.96 11.33 2.69
CA GLN A 15 13.81 11.81 1.60
C GLN A 15 13.08 11.54 0.27
N ASP A 16 12.21 10.52 0.26
CA ASP A 16 11.43 10.19 -0.94
C ASP A 16 10.53 11.38 -1.25
N VAL A 17 9.96 11.96 -0.19
CA VAL A 17 9.08 13.10 -0.32
C VAL A 17 9.84 14.29 -0.89
N THR A 18 11.04 14.52 -0.38
CA THR A 18 11.87 15.62 -0.86
C THR A 18 12.13 15.45 -2.35
N ASN A 19 12.47 14.22 -2.76
CA ASN A 19 12.75 13.93 -4.15
C ASN A 19 11.52 14.09 -5.04
N TRP A 20 10.33 13.86 -4.49
CA TRP A 20 9.12 14.02 -5.28
C TRP A 20 8.91 15.50 -5.54
N LEU A 21 9.34 16.35 -4.60
CA LEU A 21 9.23 17.79 -4.80
C LEU A 21 10.23 18.21 -5.88
N SER A 22 11.44 17.69 -5.80
CA SER A 22 12.48 18.03 -6.77
C SER A 22 12.10 17.59 -8.17
N GLU A 23 11.37 16.48 -8.25
CA GLU A 23 10.91 15.93 -9.52
C GLU A 23 9.91 16.89 -10.17
N ASP A 24 9.30 17.74 -9.36
CA ASP A 24 8.31 18.69 -9.87
C ASP A 24 8.93 20.06 -10.14
N VAL A 25 10.05 20.36 -9.49
CA VAL A 25 10.72 21.64 -9.69
C VAL A 25 12.21 21.45 -9.96
N PRO A 26 12.58 21.09 -11.19
CA PRO A 26 14.02 20.90 -11.46
C PRO A 26 14.80 22.22 -11.35
N SER A 27 14.19 23.32 -11.78
CA SER A 27 14.87 24.62 -11.71
C SER A 27 14.16 25.66 -10.86
N PHE A 28 13.18 26.35 -11.46
CA PHE A 28 12.45 27.40 -10.75
C PHE A 28 10.97 27.15 -10.73
N ASP A 29 10.30 27.73 -9.74
CA ASP A 29 8.85 27.61 -9.60
C ASP A 29 8.27 28.96 -10.03
N PHE A 30 8.08 29.14 -11.32
CA PHE A 30 7.56 30.39 -11.87
C PHE A 30 6.23 30.84 -11.24
N GLY A 31 5.34 29.89 -11.01
CA GLY A 31 4.05 30.21 -10.41
C GLY A 31 4.18 30.71 -8.98
N GLY A 32 5.10 30.11 -8.24
CA GLY A 32 5.32 30.53 -6.87
C GLY A 32 5.80 31.95 -6.81
N TYR A 33 6.51 32.37 -7.86
CA TYR A 33 7.04 33.73 -7.93
C TYR A 33 5.96 34.75 -8.21
N VAL A 34 5.00 34.38 -9.06
CA VAL A 34 3.91 35.29 -9.39
C VAL A 34 2.86 35.38 -8.28
N VAL A 35 2.70 34.32 -7.50
CA VAL A 35 1.69 34.31 -6.44
C VAL A 35 2.16 34.94 -5.12
N GLY A 36 3.43 34.76 -4.78
CA GLY A 36 3.94 35.34 -3.55
C GLY A 36 3.77 34.53 -2.28
N SER A 37 4.20 35.12 -1.17
CA SER A 37 4.15 34.47 0.13
C SER A 37 3.05 34.87 1.08
N ASP A 38 2.09 35.68 0.63
CA ASP A 38 1.01 36.08 1.52
C ASP A 38 0.35 34.84 2.11
N LEU A 39 0.03 34.89 3.40
CA LEU A 39 -0.62 33.74 4.03
C LEU A 39 -1.97 33.52 3.37
N LYS A 40 -2.35 32.26 3.22
CA LYS A 40 -3.62 31.93 2.59
C LYS A 40 -4.24 30.75 3.31
N GLU A 41 -5.53 30.55 3.07
CA GLU A 41 -6.25 29.44 3.67
C GLU A 41 -6.62 28.52 2.53
N ALA A 42 -6.67 27.22 2.79
CA ALA A 42 -7.03 26.26 1.75
C ALA A 42 -7.73 25.03 2.31
N ASN A 43 -8.65 24.48 1.52
CA ASN A 43 -9.38 23.28 1.91
C ASN A 43 -8.94 22.16 1.00
N LEU A 44 -8.74 20.98 1.57
CA LEU A 44 -8.36 19.82 0.77
C LEU A 44 -9.69 19.08 0.59
N TYR A 45 -10.09 18.86 -0.65
CA TYR A 45 -11.35 18.18 -0.90
C TYR A 45 -11.21 16.75 -1.43
N CYS A 46 -12.11 15.88 -0.97
CA CYS A 46 -12.17 14.51 -1.44
C CYS A 46 -13.40 14.53 -2.36
N LYS A 47 -13.20 14.22 -3.65
CA LYS A 47 -14.30 14.28 -4.61
C LYS A 47 -14.85 12.94 -5.09
N GLN A 48 -14.52 11.86 -4.40
CA GLN A 48 -15.02 10.54 -4.78
C GLN A 48 -15.11 9.61 -3.58
N ASP A 49 -16.20 8.84 -3.53
CA ASP A 49 -16.41 7.87 -2.44
C ASP A 49 -15.24 6.89 -2.35
N GLY A 50 -14.69 6.74 -1.15
CA GLY A 50 -13.56 5.84 -0.98
C GLY A 50 -12.91 6.03 0.36
N MET A 51 -11.93 5.18 0.70
CA MET A 51 -11.23 5.27 1.97
C MET A 51 -10.01 6.21 1.93
N LEU A 52 -9.93 7.10 2.90
CA LEU A 52 -8.83 8.04 3.01
C LEU A 52 -7.53 7.33 3.40
N CYS A 53 -6.47 7.54 2.62
CA CYS A 53 -5.19 6.91 2.91
C CYS A 53 -4.01 7.73 2.37
N GLY A 54 -2.85 7.60 3.00
CA GLY A 54 -1.68 8.34 2.57
C GLY A 54 -1.49 9.61 3.38
N VAL A 55 -2.26 9.75 4.46
CA VAL A 55 -2.21 10.92 5.32
C VAL A 55 -0.80 11.29 5.80
N PRO A 56 -0.07 10.33 6.40
CA PRO A 56 1.28 10.68 6.86
C PRO A 56 2.23 11.13 5.74
N PHE A 57 2.01 10.64 4.53
CA PHE A 57 2.86 11.02 3.41
C PHE A 57 2.50 12.43 2.94
N ALA A 58 1.22 12.69 2.77
CA ALA A 58 0.77 14.03 2.35
C ALA A 58 1.20 15.06 3.40
N GLN A 59 1.16 14.66 4.67
CA GLN A 59 1.53 15.54 5.77
C GLN A 59 3.02 15.88 5.73
N GLU A 60 3.84 14.95 5.28
CA GLU A 60 5.27 15.18 5.20
C GLU A 60 5.54 16.22 4.10
N VAL A 61 4.72 16.16 3.05
CA VAL A 61 4.85 17.10 1.94
C VAL A 61 4.52 18.48 2.48
N PHE A 62 3.41 18.57 3.22
CA PHE A 62 2.97 19.82 3.81
C PHE A 62 3.99 20.34 4.81
N ASN A 63 4.59 19.42 5.59
CA ASN A 63 5.60 19.82 6.57
C ASN A 63 6.82 20.44 5.89
N GLN A 64 7.31 19.78 4.85
CA GLN A 64 8.48 20.27 4.13
C GLN A 64 8.18 21.56 3.38
N CYS A 65 6.90 21.81 3.10
CA CYS A 65 6.50 23.04 2.42
C CYS A 65 6.13 24.09 3.46
N GLU A 66 6.41 23.76 4.73
CA GLU A 66 6.16 24.65 5.85
C GLU A 66 4.75 25.24 5.92
N LEU A 67 3.76 24.35 6.02
CA LEU A 67 2.36 24.73 6.08
C LEU A 67 1.74 24.18 7.35
N GLN A 68 0.57 24.71 7.70
CA GLN A 68 -0.16 24.27 8.89
C GLN A 68 -1.42 23.55 8.42
N VAL A 69 -1.53 22.27 8.79
CA VAL A 69 -2.66 21.48 8.37
C VAL A 69 -3.44 20.88 9.53
N GLU A 70 -4.75 20.74 9.32
CA GLU A 70 -5.63 20.14 10.32
C GLU A 70 -6.50 19.16 9.56
N TRP A 71 -6.31 17.87 9.82
CA TRP A 71 -7.10 16.84 9.15
C TRP A 71 -8.45 16.72 9.85
N LEU A 72 -9.52 16.71 9.06
CA LEU A 72 -10.87 16.61 9.59
C LEU A 72 -11.32 15.16 9.73
N PHE A 73 -10.51 14.23 9.23
CA PHE A 73 -10.84 12.82 9.32
C PHE A 73 -9.62 11.98 9.63
N LYS A 74 -9.82 10.91 10.39
CA LYS A 74 -8.75 10.00 10.73
C LYS A 74 -8.46 9.17 9.50
N GLU A 75 -7.21 8.78 9.32
CA GLU A 75 -6.84 7.96 8.17
C GLU A 75 -7.59 6.64 8.33
N GLY A 76 -8.07 6.10 7.21
CA GLY A 76 -8.81 4.84 7.26
C GLY A 76 -10.31 5.09 7.19
N SER A 77 -10.70 6.36 7.30
CA SER A 77 -12.10 6.72 7.25
C SER A 77 -12.69 6.59 5.85
N PHE A 78 -13.91 6.09 5.76
CA PHE A 78 -14.56 5.96 4.47
C PHE A 78 -15.33 7.26 4.21
N LEU A 79 -15.01 7.95 3.15
CA LEU A 79 -15.68 9.18 2.83
C LEU A 79 -16.70 8.98 1.75
N GLU A 80 -17.77 9.74 1.84
CA GLU A 80 -18.84 9.64 0.88
C GLU A 80 -19.39 10.98 0.48
N PRO A 81 -18.57 11.74 -0.21
CA PRO A 81 -19.07 12.91 -0.91
C PRO A 81 -19.95 12.18 -1.92
N SER A 82 -21.06 11.62 -1.46
CA SER A 82 -21.94 10.79 -2.24
C SER A 82 -23.04 11.78 -2.33
N LYS A 83 -23.28 12.44 -1.21
CA LYS A 83 -24.35 13.39 -1.14
C LYS A 83 -24.37 14.44 -2.29
N ASN A 84 -23.24 15.07 -2.60
CA ASN A 84 -23.21 16.19 -3.56
C ASN A 84 -24.28 17.10 -3.01
N ASP A 85 -24.30 17.22 -1.70
CA ASP A 85 -25.03 18.31 -1.16
C ASP A 85 -24.07 19.39 -1.70
N SER A 86 -22.82 19.00 -1.94
CA SER A 86 -21.85 19.73 -2.72
C SER A 86 -21.06 18.89 -3.69
N GLY A 87 -20.97 17.61 -3.42
CA GLY A 87 -20.23 16.69 -4.26
C GLY A 87 -18.82 16.46 -3.81
N LYS A 88 -18.47 16.94 -2.63
CA LYS A 88 -17.13 16.82 -2.19
C LYS A 88 -17.09 17.03 -0.72
N ILE A 89 -15.93 16.79 -0.10
CA ILE A 89 -15.82 16.83 1.35
C ILE A 89 -14.46 17.37 1.78
N VAL A 90 -14.47 18.38 2.65
CA VAL A 90 -13.25 18.98 3.14
C VAL A 90 -12.63 18.01 4.15
N VAL A 91 -11.46 17.48 3.81
CA VAL A 91 -10.79 16.53 4.67
C VAL A 91 -9.63 17.16 5.42
N ALA A 92 -9.26 18.38 5.03
CA ALA A 92 -8.16 19.05 5.70
C ALA A 92 -8.17 20.55 5.44
N LYS A 93 -7.72 21.31 6.43
CA LYS A 93 -7.65 22.76 6.32
C LYS A 93 -6.16 23.12 6.32
N ILE A 94 -5.73 23.90 5.34
CA ILE A 94 -4.32 24.27 5.24
C ILE A 94 -4.08 25.79 5.28
N THR A 95 -3.00 26.19 5.92
CA THR A 95 -2.64 27.60 6.00
C THR A 95 -1.14 27.76 5.79
N GLY A 96 -0.75 28.84 5.11
CA GLY A 96 0.66 29.09 4.87
C GLY A 96 0.84 29.97 3.65
N PRO A 97 2.09 30.37 3.35
CA PRO A 97 2.40 31.22 2.20
C PRO A 97 1.77 30.68 0.92
N ALA A 98 1.17 31.57 0.15
CA ALA A 98 0.53 31.20 -1.10
C ALA A 98 1.38 30.23 -1.92
N LYS A 99 2.59 30.63 -2.24
CA LYS A 99 3.50 29.81 -3.05
C LYS A 99 3.72 28.40 -2.47
N ASN A 100 3.88 28.32 -1.15
CA ASN A 100 4.13 27.05 -0.49
C ASN A 100 2.95 26.10 -0.63
N ILE A 101 1.73 26.64 -0.62
CA ILE A 101 0.53 25.80 -0.76
C ILE A 101 0.44 25.23 -2.18
N LEU A 102 0.61 26.09 -3.18
CA LEU A 102 0.52 25.65 -4.57
C LEU A 102 1.65 24.72 -4.99
N LEU A 103 2.76 24.75 -4.25
CA LEU A 103 3.89 23.88 -4.55
C LEU A 103 3.61 22.46 -4.04
N ALA A 104 3.05 22.35 -2.85
CA ALA A 104 2.74 21.07 -2.24
C ALA A 104 1.54 20.38 -2.86
N GLU A 105 0.61 21.18 -3.36
CA GLU A 105 -0.63 20.68 -3.96
C GLU A 105 -0.73 19.44 -4.85
N ARG A 106 -0.01 19.46 -5.97
CA ARG A 106 -0.08 18.36 -6.93
C ARG A 106 0.58 17.12 -6.34
N THR A 107 1.77 17.28 -5.75
CA THR A 107 2.47 16.14 -5.15
C THR A 107 1.63 15.51 -4.03
N ALA A 108 1.06 16.35 -3.18
CA ALA A 108 0.25 15.87 -2.06
C ALA A 108 -0.99 15.12 -2.57
N LEU A 109 -1.62 15.67 -3.60
CA LEU A 109 -2.82 15.07 -4.16
C LEU A 109 -2.51 13.80 -4.95
N ASN A 110 -1.30 13.73 -5.51
CA ASN A 110 -0.90 12.55 -6.27
C ASN A 110 -0.71 11.38 -5.31
N ILE A 111 -0.35 11.72 -4.08
CA ILE A 111 -0.15 10.72 -3.04
C ILE A 111 -1.49 10.23 -2.49
N LEU A 112 -2.35 11.17 -2.12
CA LEU A 112 -3.65 10.83 -1.57
C LEU A 112 -4.52 10.05 -2.54
N SER A 113 -4.64 10.54 -3.76
CA SER A 113 -5.47 9.86 -4.75
C SER A 113 -5.04 8.41 -4.98
N ARG A 114 -3.75 8.17 -5.08
CA ARG A 114 -3.24 6.80 -5.31
C ARG A 114 -3.24 5.91 -4.07
N SER A 115 -2.94 6.49 -2.91
CA SER A 115 -2.92 5.70 -1.70
C SER A 115 -4.36 5.34 -1.32
N SER A 116 -5.28 6.29 -1.49
CA SER A 116 -6.69 6.06 -1.18
C SER A 116 -7.28 5.04 -2.14
N GLY A 117 -6.87 5.12 -3.40
CA GLY A 117 -7.36 4.17 -4.38
C GLY A 117 -6.97 2.75 -3.99
N ILE A 118 -5.70 2.55 -3.64
CA ILE A 118 -5.24 1.22 -3.23
C ILE A 118 -6.00 0.76 -1.98
N ALA A 119 -6.09 1.64 -0.99
CA ALA A 119 -6.79 1.29 0.25
C ALA A 119 -8.23 0.89 -0.08
N THR A 120 -8.92 1.74 -0.84
CA THR A 120 -10.30 1.49 -1.23
C THR A 120 -10.51 0.15 -1.94
N ALA A 121 -9.60 -0.20 -2.85
CA ALA A 121 -9.72 -1.48 -3.55
C ALA A 121 -9.41 -2.61 -2.57
N SER A 122 -8.40 -2.43 -1.74
CA SER A 122 -8.05 -3.45 -0.77
C SER A 122 -9.23 -3.73 0.13
N HIS A 123 -9.85 -2.67 0.64
CA HIS A 123 -10.99 -2.83 1.54
C HIS A 123 -12.19 -3.49 0.87
N LYS A 124 -12.40 -3.18 -0.39
CA LYS A 124 -13.52 -3.69 -1.06
C LYS A 124 -13.41 -5.17 -1.23
N ILE A 125 -12.20 -5.63 -1.41
CA ILE A 125 -11.98 -7.00 -1.68
C ILE A 125 -12.04 -7.83 -0.41
N ILE A 126 -11.52 -7.36 0.70
CA ILE A 126 -11.52 -8.15 1.90
C ILE A 126 -12.93 -8.19 2.50
N SER A 127 -13.58 -7.07 2.49
CA SER A 127 -14.88 -6.98 3.05
C SER A 127 -15.84 -7.84 2.26
N LEU A 128 -15.61 -7.84 0.98
CA LEU A 128 -16.32 -8.68 0.08
C LEU A 128 -16.07 -10.09 0.41
N ALA A 129 -14.83 -10.49 0.36
CA ALA A 129 -14.53 -11.82 0.71
C ALA A 129 -14.37 -11.79 2.16
N ARG A 130 -15.42 -11.47 2.88
CA ARG A 130 -15.46 -11.50 4.31
C ARG A 130 -16.86 -11.97 4.19
N SER A 131 -17.70 -11.09 3.71
CA SER A 131 -19.12 -11.25 3.72
C SER A 131 -19.56 -12.66 3.37
N THR A 132 -18.71 -13.43 2.74
CA THR A 132 -19.03 -14.80 2.47
C THR A 132 -18.80 -15.64 3.68
N GLY A 133 -18.25 -15.07 4.72
CA GLY A 133 -17.96 -15.85 5.89
C GLY A 133 -16.58 -16.44 5.87
N TYR A 134 -15.81 -16.09 4.88
CA TYR A 134 -14.42 -16.54 4.79
C TYR A 134 -13.65 -15.97 5.97
N LYS A 135 -12.85 -16.80 6.64
CA LYS A 135 -12.08 -16.38 7.80
C LYS A 135 -10.61 -16.19 7.50
N GLY A 136 -10.18 -16.62 6.32
CA GLY A 136 -8.78 -16.47 5.94
C GLY A 136 -8.41 -15.03 5.65
N THR A 137 -7.30 -14.85 4.94
CA THR A 137 -6.85 -13.52 4.60
C THR A 137 -6.63 -13.28 3.11
N ILE A 138 -6.73 -12.03 2.72
CA ILE A 138 -6.51 -11.62 1.34
C ILE A 138 -5.19 -10.85 1.39
N ALA A 139 -4.28 -11.16 0.50
CA ALA A 139 -2.97 -10.56 0.54
C ALA A 139 -2.60 -9.92 -0.76
N GLY A 140 -1.61 -9.03 -0.74
CA GLY A 140 -1.02 -8.53 -1.94
C GLY A 140 0.15 -9.31 -2.51
N THR A 141 0.97 -8.62 -3.28
CA THR A 141 2.04 -9.18 -4.07
C THR A 141 3.25 -8.26 -4.08
N ARG A 142 4.17 -8.56 -4.97
CA ARG A 142 5.35 -7.76 -5.15
C ARG A 142 5.24 -6.97 -6.45
N LYS A 143 4.08 -7.02 -7.06
CA LYS A 143 3.88 -6.31 -8.27
C LYS A 143 3.51 -4.88 -7.97
N THR A 144 4.34 -4.23 -7.20
CA THR A 144 4.14 -2.84 -6.82
C THR A 144 4.74 -1.86 -7.83
N THR A 145 4.44 -0.58 -7.65
CA THR A 145 4.98 0.45 -8.53
C THR A 145 6.45 0.67 -8.14
N PRO A 146 7.35 0.66 -9.14
CA PRO A 146 8.78 0.86 -8.87
C PRO A 146 9.05 2.14 -8.09
N GLY A 147 9.70 2.01 -6.94
CA GLY A 147 10.03 3.15 -6.13
C GLY A 147 8.94 3.57 -5.16
N LEU A 148 7.76 2.99 -5.29
CA LEU A 148 6.64 3.35 -4.43
C LEU A 148 6.09 2.19 -3.58
N ARG A 149 6.94 1.20 -3.28
CA ARG A 149 6.50 0.04 -2.51
C ARG A 149 6.09 0.31 -1.07
N ARG A 150 6.83 1.15 -0.37
CA ARG A 150 6.48 1.45 1.01
C ARG A 150 5.07 2.03 1.08
N LEU A 151 4.81 3.05 0.26
CA LEU A 151 3.50 3.69 0.20
C LEU A 151 2.35 2.74 -0.16
N GLU A 152 2.56 1.87 -1.15
CA GLU A 152 1.50 0.96 -1.57
C GLU A 152 1.22 -0.19 -0.60
N LYS A 153 2.27 -0.68 0.07
CA LYS A 153 2.11 -1.76 1.04
C LYS A 153 1.35 -1.16 2.22
N TYR A 154 1.78 0.02 2.62
CA TYR A 154 1.16 0.73 3.72
C TYR A 154 -0.33 0.93 3.44
N SER A 155 -0.67 1.18 2.17
CA SER A 155 -2.06 1.39 1.80
C SER A 155 -2.86 0.10 1.83
N MET A 156 -2.19 -1.01 1.55
CA MET A 156 -2.84 -2.30 1.59
C MET A 156 -3.30 -2.55 3.02
N LEU A 157 -2.42 -2.26 3.98
CA LEU A 157 -2.71 -2.45 5.40
C LEU A 157 -3.89 -1.64 5.88
N VAL A 158 -3.91 -0.36 5.53
CA VAL A 158 -4.99 0.54 5.92
C VAL A 158 -6.30 0.03 5.34
N GLY A 159 -6.23 -0.59 4.17
CA GLY A 159 -7.41 -1.13 3.54
C GLY A 159 -7.97 -2.33 4.26
N GLY A 160 -7.17 -2.95 5.11
CA GLY A 160 -7.60 -4.13 5.85
C GLY A 160 -7.10 -5.43 5.27
N CYS A 161 -6.15 -5.33 4.34
CA CYS A 161 -5.57 -6.50 3.69
C CYS A 161 -4.16 -6.80 4.22
N ASP A 162 -3.67 -8.00 3.91
CA ASP A 162 -2.34 -8.41 4.31
C ASP A 162 -1.42 -7.91 3.20
N THR A 163 -0.23 -7.47 3.55
CA THR A 163 0.72 -6.99 2.57
C THR A 163 1.31 -8.12 1.76
N HIS A 164 1.22 -9.33 2.30
CA HIS A 164 2.15 -10.36 1.97
C HIS A 164 3.60 -9.89 2.06
N ARG A 165 4.53 -10.77 1.75
CA ARG A 165 5.95 -10.52 1.87
C ARG A 165 6.37 -9.14 1.31
N TYR A 166 7.21 -8.42 2.03
CA TYR A 166 7.56 -7.08 1.57
C TYR A 166 8.45 -7.12 0.34
N ASP A 167 9.50 -7.94 0.37
CA ASP A 167 10.44 -8.06 -0.74
C ASP A 167 11.08 -9.44 -0.83
N LEU A 168 12.20 -9.52 -1.54
CA LEU A 168 12.94 -10.78 -1.71
C LEU A 168 13.83 -11.09 -0.52
N SER A 169 13.99 -10.13 0.39
CA SER A 169 14.83 -10.35 1.55
C SER A 169 13.99 -10.82 2.72
N SER A 170 12.68 -10.77 2.54
CA SER A 170 11.75 -11.20 3.56
C SER A 170 11.42 -12.63 3.11
N MET A 171 10.29 -13.15 3.56
CA MET A 171 9.96 -14.55 3.41
C MET A 171 10.50 -15.13 2.11
N VAL A 172 11.16 -16.29 2.20
CA VAL A 172 11.68 -16.93 1.00
C VAL A 172 10.51 -17.56 0.24
N MET A 173 10.49 -17.40 -1.07
CA MET A 173 9.44 -17.99 -1.89
C MET A 173 10.09 -18.84 -2.97
N LEU A 174 10.05 -20.15 -2.77
CA LEU A 174 10.65 -21.09 -3.71
C LEU A 174 9.67 -21.61 -4.76
N LYS A 175 10.19 -21.83 -5.96
CA LYS A 175 9.40 -22.34 -7.09
C LYS A 175 10.09 -23.55 -7.70
N ASP A 176 9.54 -24.05 -8.80
CA ASP A 176 10.10 -25.20 -9.50
C ASP A 176 11.56 -24.93 -9.85
N ASN A 177 11.84 -23.71 -10.29
CA ASN A 177 13.19 -23.28 -10.68
C ASN A 177 14.21 -23.63 -9.60
N HIS A 178 13.91 -23.23 -8.38
CA HIS A 178 14.80 -23.49 -7.24
C HIS A 178 14.79 -24.97 -6.87
N ILE A 179 13.61 -25.58 -6.92
CA ILE A 179 13.42 -26.99 -6.57
C ILE A 179 14.37 -27.96 -7.29
N TRP A 180 14.24 -28.08 -8.61
CA TRP A 180 15.11 -28.98 -9.35
C TRP A 180 16.50 -28.38 -9.55
N ALA A 181 16.73 -27.20 -8.99
CA ALA A 181 18.03 -26.56 -9.10
C ALA A 181 18.96 -27.22 -8.07
N THR A 182 18.35 -27.78 -7.03
CA THR A 182 19.09 -28.44 -5.96
C THR A 182 18.86 -29.95 -5.97
N GLY A 183 17.80 -30.36 -6.67
CA GLY A 183 17.50 -31.79 -6.75
C GLY A 183 16.11 -32.16 -6.26
N SER A 184 15.58 -31.41 -5.29
CA SER A 184 14.27 -31.70 -4.76
C SER A 184 13.78 -30.59 -3.83
N ILE A 185 12.47 -30.50 -3.66
CA ILE A 185 11.88 -29.50 -2.79
C ILE A 185 12.61 -29.50 -1.46
N THR A 186 12.94 -30.70 -0.97
CA THR A 186 13.65 -30.85 0.29
C THR A 186 14.97 -30.09 0.28
N ASN A 187 15.74 -30.25 -0.80
CA ASN A 187 17.03 -29.57 -0.91
C ASN A 187 16.85 -28.06 -1.00
N ALA A 188 15.95 -27.63 -1.87
CA ALA A 188 15.68 -26.21 -2.05
C ALA A 188 15.31 -25.58 -0.71
N VAL A 189 14.40 -26.23 0.01
CA VAL A 189 13.97 -25.73 1.30
C VAL A 189 15.10 -25.76 2.33
N LYS A 190 15.94 -26.81 2.27
CA LYS A 190 17.06 -26.93 3.21
C LYS A 190 18.12 -25.86 2.97
N ASN A 191 18.37 -25.53 1.71
CA ASN A 191 19.37 -24.51 1.39
C ASN A 191 18.82 -23.13 1.73
N ALA A 192 17.51 -22.94 1.54
CA ALA A 192 16.88 -21.67 1.88
C ALA A 192 16.99 -21.47 3.38
N ARG A 193 16.60 -22.51 4.13
CA ARG A 193 16.66 -22.46 5.59
C ARG A 193 18.09 -22.22 6.04
N ALA A 194 19.05 -22.81 5.33
CA ALA A 194 20.46 -22.66 5.66
C ALA A 194 20.94 -21.21 5.65
N VAL A 195 20.24 -20.35 4.91
CA VAL A 195 20.64 -18.95 4.85
C VAL A 195 19.65 -17.97 5.48
N CYS A 196 18.37 -18.31 5.49
CA CYS A 196 17.39 -17.41 6.09
C CYS A 196 17.27 -17.66 7.58
N GLY A 197 17.51 -18.89 8.01
CA GLY A 197 17.45 -19.19 9.44
C GLY A 197 16.04 -19.32 9.99
N PHE A 198 15.92 -19.26 11.31
CA PHE A 198 14.63 -19.41 11.97
C PHE A 198 13.73 -18.18 11.94
N ALA A 199 14.33 -17.00 11.91
CA ALA A 199 13.57 -15.75 11.92
C ALA A 199 12.68 -15.50 10.70
N VAL A 200 12.96 -16.15 9.59
CA VAL A 200 12.15 -15.92 8.40
C VAL A 200 11.50 -17.18 7.81
N LYS A 201 10.23 -17.05 7.42
CA LYS A 201 9.45 -18.16 6.86
C LYS A 201 9.86 -18.50 5.44
N ILE A 202 9.64 -19.76 5.06
CA ILE A 202 9.94 -20.25 3.72
C ILE A 202 8.63 -20.71 3.10
N GLU A 203 8.34 -20.25 1.89
CA GLU A 203 7.12 -20.63 1.20
C GLU A 203 7.47 -21.35 -0.09
N VAL A 204 6.80 -22.47 -0.36
CA VAL A 204 7.07 -23.24 -1.58
C VAL A 204 5.83 -23.39 -2.45
N GLU A 205 5.95 -23.07 -3.70
CA GLU A 205 4.85 -23.20 -4.58
C GLU A 205 4.77 -24.60 -5.15
N CYS A 206 3.65 -25.26 -4.92
CA CYS A 206 3.44 -26.61 -5.41
C CYS A 206 2.32 -26.67 -6.44
N LEU A 207 2.04 -27.87 -6.93
CA LEU A 207 0.99 -28.07 -7.93
C LEU A 207 0.32 -29.42 -7.76
N SER A 208 0.77 -30.19 -6.77
CA SER A 208 0.21 -31.51 -6.50
C SER A 208 0.15 -31.78 -4.99
N GLU A 209 -0.34 -32.96 -4.64
CA GLU A 209 -0.46 -33.36 -3.24
C GLU A 209 0.90 -33.70 -2.65
N ASP A 210 1.55 -34.71 -3.20
CA ASP A 210 2.86 -35.15 -2.74
C ASP A 210 3.81 -33.96 -2.58
N GLU A 211 3.91 -33.15 -3.64
CA GLU A 211 4.79 -31.99 -3.63
C GLU A 211 4.59 -31.16 -2.37
N ALA A 212 3.33 -30.89 -2.04
CA ALA A 212 3.01 -30.11 -0.87
C ALA A 212 3.54 -30.77 0.39
N THR A 213 3.55 -32.06 0.35
CA THR A 213 3.75 -32.88 1.49
C THR A 213 5.22 -33.05 1.80
N GLU A 214 6.03 -33.08 0.76
CA GLU A 214 7.45 -33.12 0.93
C GLU A 214 7.91 -31.74 1.39
N ALA A 215 7.23 -30.69 0.94
CA ALA A 215 7.60 -29.37 1.40
C ALA A 215 7.33 -29.23 2.88
N ILE A 216 6.23 -29.79 3.32
CA ILE A 216 5.87 -29.74 4.71
C ILE A 216 6.92 -30.47 5.52
N GLU A 217 7.36 -31.61 5.03
CA GLU A 217 8.31 -32.40 5.77
C GLU A 217 9.69 -31.78 5.73
N ALA A 218 9.94 -31.00 4.70
CA ALA A 218 11.20 -30.31 4.55
C ALA A 218 11.31 -29.12 5.50
N GLY A 219 10.20 -28.60 5.95
CA GLY A 219 10.24 -27.50 6.91
C GLY A 219 9.60 -26.22 6.39
N ALA A 220 8.95 -26.29 5.23
CA ALA A 220 8.30 -25.12 4.65
C ALA A 220 7.24 -24.57 5.59
N ASP A 221 7.14 -23.24 5.67
CA ASP A 221 6.15 -22.62 6.55
C ASP A 221 4.83 -22.34 5.83
N VAL A 222 4.88 -22.21 4.51
CA VAL A 222 3.72 -21.92 3.70
C VAL A 222 3.81 -22.70 2.39
N ILE A 223 2.65 -23.10 1.84
CA ILE A 223 2.61 -23.81 0.57
C ILE A 223 1.63 -23.12 -0.38
N MET A 224 2.13 -22.68 -1.52
CA MET A 224 1.29 -22.02 -2.51
C MET A 224 0.84 -23.08 -3.50
N LEU A 225 -0.46 -23.15 -3.75
CA LEU A 225 -1.03 -24.11 -4.68
C LEU A 225 -1.36 -23.46 -6.01
N ASP A 226 -1.30 -22.13 -6.05
CA ASP A 226 -1.61 -21.39 -7.27
C ASP A 226 -2.47 -21.21 -8.51
N ASN A 227 -3.76 -21.50 -8.36
CA ASN A 227 -4.72 -21.30 -9.45
C ASN A 227 -5.16 -22.75 -9.53
N HIS A 249 1.48 -25.35 12.14
CA HIS A 249 2.73 -25.77 11.52
C HIS A 249 2.90 -25.23 10.10
N PHE A 250 1.83 -25.23 9.32
CA PHE A 250 1.90 -24.71 7.95
C PHE A 250 0.60 -24.05 7.52
N LEU A 251 0.72 -23.11 6.58
CA LEU A 251 -0.43 -22.39 6.05
C LEU A 251 -0.56 -22.70 4.56
N LEU A 252 -1.75 -22.48 4.01
CA LEU A 252 -1.99 -22.73 2.59
C LEU A 252 -2.42 -21.45 1.89
N GLU A 253 -1.93 -21.28 0.66
CA GLU A 253 -2.26 -20.09 -0.10
C GLU A 253 -2.51 -20.37 -1.57
N CYS A 254 -3.50 -19.69 -2.12
CA CYS A 254 -3.80 -19.75 -3.52
C CYS A 254 -3.58 -18.39 -4.10
N SER A 255 -2.95 -18.35 -5.25
CA SER A 255 -2.64 -17.09 -5.86
C SER A 255 -3.26 -16.95 -7.22
N GLY A 256 -3.99 -15.84 -7.37
CA GLY A 256 -4.34 -15.23 -8.64
C GLY A 256 -5.76 -14.70 -8.59
N GLY A 257 -6.50 -15.26 -7.62
CA GLY A 257 -7.93 -15.43 -7.69
C GLY A 257 -8.70 -14.18 -7.50
N LEU A 258 -9.44 -13.79 -8.52
CA LEU A 258 -10.11 -12.50 -8.50
C LEU A 258 -11.61 -12.49 -8.21
N ASN A 259 -12.37 -13.42 -8.81
CA ASN A 259 -13.77 -13.59 -8.42
C ASN A 259 -14.14 -15.02 -8.16
N LEU A 267 -15.19 -19.15 -5.26
CA LEU A 267 -13.81 -19.65 -5.28
C LEU A 267 -13.28 -19.89 -3.88
N CYS A 268 -13.69 -19.04 -2.94
CA CYS A 268 -13.24 -19.13 -1.56
C CYS A 268 -13.44 -20.48 -0.90
N ASP A 269 -12.33 -21.20 -0.74
CA ASP A 269 -12.33 -22.51 -0.10
C ASP A 269 -11.89 -22.19 1.33
N ASP A 270 -11.35 -23.17 2.04
CA ASP A 270 -10.87 -22.90 3.38
C ASP A 270 -9.35 -22.96 3.40
N ILE A 271 -8.79 -22.12 2.52
CA ILE A 271 -7.34 -21.96 2.38
C ILE A 271 -7.09 -20.83 3.37
N ASP A 272 -5.83 -20.58 3.71
CA ASP A 272 -5.52 -19.52 4.66
C ASP A 272 -5.30 -18.18 3.97
N ILE A 273 -4.66 -18.22 2.80
CA ILE A 273 -4.36 -16.99 2.08
C ILE A 273 -4.70 -17.00 0.59
N TYR A 274 -5.28 -15.89 0.14
CA TYR A 274 -5.59 -15.70 -1.27
C TYR A 274 -4.83 -14.45 -1.72
N SER A 275 -3.87 -14.63 -2.63
CA SER A 275 -3.07 -13.52 -3.11
C SER A 275 -3.55 -12.99 -4.44
N THR A 276 -3.62 -11.67 -4.55
CA THR A 276 -4.04 -11.04 -5.79
C THR A 276 -3.51 -9.62 -5.87
N SER A 277 -2.91 -9.29 -7.01
CA SER A 277 -2.37 -7.95 -7.24
C SER A 277 -3.51 -6.96 -7.46
N SER A 278 -4.74 -7.47 -7.48
CA SER A 278 -5.92 -6.64 -7.70
C SER A 278 -6.17 -5.56 -6.65
N ILE A 279 -5.75 -5.78 -5.41
CA ILE A 279 -5.99 -4.76 -4.40
C ILE A 279 -5.01 -3.58 -4.47
N HIS A 280 -3.96 -3.70 -5.27
CA HIS A 280 -2.98 -2.61 -5.36
C HIS A 280 -2.50 -2.22 -6.75
N GLN A 281 -2.50 -3.16 -7.68
CA GLN A 281 -2.02 -2.90 -9.03
C GLN A 281 -3.13 -2.56 -10.03
N GLY A 282 -2.90 -1.53 -10.83
CA GLY A 282 -3.88 -1.11 -11.82
C GLY A 282 -5.25 -0.80 -11.23
N THR A 283 -5.27 -0.14 -10.08
CA THR A 283 -6.52 0.21 -9.42
C THR A 283 -6.94 1.65 -9.71
N PRO A 284 -8.25 1.92 -9.67
CA PRO A 284 -8.69 3.29 -9.91
C PRO A 284 -8.21 4.17 -8.77
N VAL A 285 -8.09 5.47 -9.05
CA VAL A 285 -7.64 6.42 -8.07
C VAL A 285 -8.84 7.15 -7.44
N ILE A 286 -8.66 7.73 -6.26
CA ILE A 286 -9.73 8.50 -5.63
C ILE A 286 -9.38 9.99 -5.82
N ASP A 287 -10.24 10.71 -6.53
CA ASP A 287 -10.01 12.13 -6.81
C ASP A 287 -10.08 13.08 -5.63
N PHE A 288 -9.06 13.92 -5.51
CA PHE A 288 -8.98 14.95 -4.48
C PHE A 288 -8.67 16.25 -5.18
N SER A 289 -8.81 17.37 -4.47
CA SER A 289 -8.53 18.68 -5.03
C SER A 289 -8.19 19.61 -3.87
N LEU A 290 -7.59 20.75 -4.17
CA LEU A 290 -7.21 21.72 -3.16
C LEU A 290 -7.55 23.09 -3.70
N LYS A 291 -8.16 23.92 -2.85
CA LYS A 291 -8.54 25.27 -3.27
C LYS A 291 -8.31 26.31 -2.19
N LEU A 292 -7.71 27.43 -2.59
CA LEU A 292 -7.45 28.55 -1.69
C LEU A 292 -8.76 29.31 -1.46
N ALA A 293 -8.96 29.81 -0.25
CA ALA A 293 -10.17 30.55 0.08
C ALA A 293 -10.25 31.82 -0.77
#